data_1GDN
#
_entry.id   1GDN
#
_cell.length_a   33.156
_cell.length_b   36.763
_cell.length_c   39.616
_cell.angle_alpha   102.19
_cell.angle_beta   104.70
_cell.angle_gamma   102.91
#
_symmetry.space_group_name_H-M   'P 1'
#
loop_
_entity.id
_entity.type
_entity.pdbx_description
1 polymer TRYPSIN
2 polymer GLY-ALA-LYS
3 non-polymer 'SULFATE ION'
4 non-polymer GLYCEROL
5 water water
#
loop_
_entity_poly.entity_id
_entity_poly.type
_entity_poly.pdbx_seq_one_letter_code
_entity_poly.pdbx_strand_id
1 'polypeptide(L)'
;IVGGTSASAGDFPFIVSISRNGGPWCGGSLLNANTVLTAAHCVSGYAQSGFQIRAGSLSRTSGGITSSLSSVRVHPSYSG
NNNDLAILKLSTSIPSGGNIGYARLAASGSDPVAGSSATVAGWGATSEGGSSTPVNLLKVTVPIVSRATCRAQYGTSAIT
NQMFCAGVSSGGKDSCQGDSGGPIVDSSNTLIGAVSWGNGCARPNYSGVYASVGALRSFIDTYA
;
A
2 'polypeptide(L)' GAK B
#
# COMPACT_ATOMS: atom_id res chain seq x y z
N ILE A 1 3.58 -7.69 -7.23
CA ILE A 1 3.56 -6.68 -8.32
C ILE A 1 3.62 -7.44 -9.65
N VAL A 2 2.68 -7.11 -10.54
CA VAL A 2 2.65 -7.64 -11.89
C VAL A 2 3.14 -6.58 -12.84
N GLY A 3 4.07 -7.01 -13.76
CA GLY A 3 4.57 -6.13 -14.76
C GLY A 3 5.57 -5.14 -14.27
N GLY A 4 6.22 -5.42 -13.13
CA GLY A 4 7.13 -4.51 -12.48
C GLY A 4 8.60 -4.74 -12.80
N THR A 5 9.41 -3.99 -12.10
CA THR A 5 10.86 -4.04 -12.19
C THR A 5 11.40 -4.13 -10.76
N SER A 6 12.67 -4.56 -10.67
CA SER A 6 13.30 -4.60 -9.38
C SER A 6 13.50 -3.22 -8.78
N ALA A 7 13.14 -3.05 -7.49
CA ALA A 7 13.51 -1.87 -6.78
C ALA A 7 15.03 -1.85 -6.53
N SER A 8 15.59 -0.64 -6.48
CA SER A 8 16.98 -0.40 -6.14
C SER A 8 17.12 -0.09 -4.70
N ALA A 9 18.31 -0.29 -4.13
CA ALA A 9 18.56 0.07 -2.72
C ALA A 9 18.29 1.55 -2.59
N GLY A 10 17.63 1.86 -1.46
N GLY A 10 17.45 1.94 -1.62
CA GLY A 10 17.34 3.23 -1.22
CA GLY A 10 16.99 3.24 -1.27
C GLY A 10 16.04 3.69 -1.87
C GLY A 10 15.78 3.83 -1.97
N ASP A 11 15.41 2.87 -2.71
N ASP A 11 15.08 3.08 -2.82
CA ASP A 11 14.06 3.20 -3.17
CA ASP A 11 13.96 3.54 -3.57
C ASP A 11 13.10 3.02 -1.98
C ASP A 11 12.77 3.97 -2.70
N PHE A 12 11.98 3.74 -2.00
N PHE A 12 12.52 3.26 -1.62
CA PHE A 12 10.97 3.55 -0.93
CA PHE A 12 11.31 3.51 -0.84
C PHE A 12 11.65 3.35 0.43
C PHE A 12 11.65 3.33 0.62
N PRO A 13 12.44 4.28 1.04
CA PRO A 13 13.15 4.02 2.28
C PRO A 13 12.25 3.74 3.47
N PHE A 14 10.97 4.12 3.37
CA PHE A 14 10.00 3.91 4.42
C PHE A 14 9.25 2.61 4.28
N ILE A 15 9.48 1.80 3.22
CA ILE A 15 8.64 0.63 3.06
C ILE A 15 9.03 -0.43 4.07
N VAL A 16 8.02 -1.15 4.55
CA VAL A 16 8.26 -2.33 5.36
C VAL A 16 7.54 -3.52 4.74
N SER A 17 8.15 -4.68 4.92
CA SER A 17 7.49 -5.94 4.65
C SER A 17 6.87 -6.42 5.96
N ILE A 18 5.69 -7.06 5.85
CA ILE A 18 4.97 -7.55 7.01
C ILE A 18 4.71 -9.05 6.80
N SER A 19 5.36 -9.86 7.66
CA SER A 19 5.12 -11.30 7.64
C SER A 19 4.05 -11.63 8.67
N ARG A 20 3.43 -12.79 8.44
CA ARG A 20 2.43 -13.32 9.37
C ARG A 20 2.73 -14.79 9.54
N ASN A 21 2.88 -15.23 10.80
CA ASN A 21 3.22 -16.59 11.11
C ASN A 21 4.51 -17.05 10.36
N GLY A 22 5.42 -16.08 10.17
CA GLY A 22 6.67 -16.40 9.51
C GLY A 22 6.64 -16.43 8.00
N GLY A 23 5.53 -16.20 7.35
CA GLY A 23 5.42 -16.22 5.91
C GLY A 23 5.01 -14.86 5.37
N PRO A 24 5.17 -14.69 4.07
CA PRO A 24 4.84 -13.39 3.49
C PRO A 24 3.36 -13.09 3.67
N TRP A 25 3.03 -11.80 3.78
CA TRP A 25 1.65 -11.43 4.04
C TRP A 25 1.28 -10.11 3.39
N CYS A 26 1.90 -8.99 3.82
N CYS A 26 1.99 -9.04 3.79
CA CYS A 26 1.50 -7.65 3.42
CA CYS A 26 1.58 -7.74 3.22
C CYS A 26 2.76 -6.76 3.33
C CYS A 26 2.77 -6.77 3.29
N GLY A 27 2.51 -5.54 2.90
CA GLY A 27 3.47 -4.45 3.02
C GLY A 27 2.92 -3.37 3.92
N GLY A 28 3.76 -2.34 4.15
CA GLY A 28 3.33 -1.19 4.93
C GLY A 28 4.33 -0.05 4.73
N SER A 29 4.04 1.04 5.44
CA SER A 29 4.82 2.27 5.33
C SER A 29 5.20 2.76 6.72
N LEU A 30 6.47 2.98 6.96
CA LEU A 30 6.96 3.48 8.25
C LEU A 30 6.72 4.97 8.30
N LEU A 31 5.86 5.39 9.27
CA LEU A 31 5.49 6.78 9.41
C LEU A 31 6.43 7.56 10.34
N ASN A 32 6.98 6.87 11.33
CA ASN A 32 7.85 7.42 12.35
C ASN A 32 8.46 6.19 13.04
N ALA A 33 9.28 6.41 14.07
CA ALA A 33 10.07 5.32 14.61
C ALA A 33 9.22 4.18 15.16
N ASN A 34 7.99 4.43 15.62
CA ASN A 34 7.23 3.35 16.24
C ASN A 34 5.88 3.09 15.54
N THR A 35 5.73 3.53 14.27
CA THR A 35 4.39 3.48 13.66
C THR A 35 4.50 3.07 12.22
N VAL A 36 3.66 2.08 11.85
CA VAL A 36 3.49 1.62 10.47
C VAL A 36 2.04 1.82 10.05
N LEU A 37 1.87 2.30 8.81
CA LEU A 37 0.57 2.36 8.15
C LEU A 37 0.45 1.16 7.21
N THR A 38 -0.65 0.42 7.32
CA THR A 38 -0.93 -0.68 6.41
C THR A 38 -2.41 -0.66 6.07
N ALA A 39 -2.85 -1.67 5.31
CA ALA A 39 -4.28 -1.83 5.03
C ALA A 39 -4.93 -2.50 6.23
N ALA A 40 -6.14 -2.06 6.57
CA ALA A 40 -6.88 -2.68 7.65
C ALA A 40 -7.10 -4.17 7.40
N HIS A 41 -7.36 -4.56 6.17
CA HIS A 41 -7.68 -5.99 5.94
C HIS A 41 -6.44 -6.88 6.18
N CYS A 42 -5.23 -6.32 6.21
CA CYS A 42 -4.07 -7.10 6.52
C CYS A 42 -4.04 -7.56 7.96
N VAL A 43 -4.66 -6.79 8.87
CA VAL A 43 -4.49 -7.02 10.32
C VAL A 43 -5.79 -7.21 11.06
N SER A 44 -6.94 -6.69 10.63
N SER A 44 -6.92 -6.74 10.50
CA SER A 44 -8.14 -6.59 11.45
CA SER A 44 -8.15 -6.82 11.24
C SER A 44 -8.65 -7.93 11.96
C SER A 44 -8.55 -8.26 11.44
N GLY A 45 -8.77 -8.06 13.27
N GLY A 45 -8.91 -8.60 12.68
CA GLY A 45 -9.26 -9.25 13.94
CA GLY A 45 -9.43 -9.93 12.94
C GLY A 45 -8.27 -10.39 14.04
C GLY A 45 -8.39 -11.00 13.13
N TYR A 46 -7.14 -10.44 13.31
N TYR A 46 -7.11 -10.65 13.09
CA TYR A 46 -6.13 -11.50 13.29
CA TYR A 46 -6.06 -11.62 13.29
C TYR A 46 -5.30 -11.40 14.58
N ALA A 47 -4.74 -12.46 15.12
CA ALA A 47 -3.89 -12.37 16.29
C ALA A 47 -2.69 -11.46 15.99
N GLN A 48 -2.48 -10.44 16.80
CA GLN A 48 -1.40 -9.50 16.54
C GLN A 48 -0.03 -10.13 16.71
N SER A 49 0.08 -11.16 17.56
CA SER A 49 1.36 -11.84 17.78
C SER A 49 1.87 -12.47 16.50
N GLY A 50 1.03 -12.73 15.51
CA GLY A 50 1.53 -13.36 14.33
C GLY A 50 2.41 -12.50 13.42
N PHE A 51 2.40 -11.19 13.64
CA PHE A 51 3.00 -10.25 12.69
C PHE A 51 4.43 -9.85 13.06
N GLN A 52 5.24 -9.64 12.07
CA GLN A 52 6.55 -9.04 12.20
C GLN A 52 6.77 -8.10 11.04
N ILE A 53 7.32 -6.92 11.35
CA ILE A 53 7.68 -5.93 10.35
C ILE A 53 9.18 -5.97 10.14
N ARG A 54 9.60 -5.73 8.89
CA ARG A 54 11.01 -5.60 8.51
C ARG A 54 11.17 -4.35 7.68
N ALA A 55 12.13 -3.49 8.08
CA ALA A 55 12.44 -2.24 7.45
C ALA A 55 13.89 -2.23 6.98
N GLY A 56 14.18 -1.42 5.96
CA GLY A 56 15.57 -1.21 5.58
C GLY A 56 16.21 -2.30 4.79
N SER A 57 15.42 -3.13 4.10
CA SER A 57 15.96 -4.21 3.29
C SER A 57 15.13 -4.35 2.02
N LEU A 58 15.79 -4.67 0.91
CA LEU A 58 15.06 -5.10 -0.27
C LEU A 58 14.45 -6.47 -0.09
N SER A 59 15.00 -7.29 0.78
CA SER A 59 14.48 -8.61 1.05
C SER A 59 13.41 -8.54 2.12
N ARG A 60 12.37 -9.38 1.95
CA ARG A 60 11.37 -9.55 2.96
C ARG A 60 11.78 -10.63 3.99
N THR A 61 12.82 -11.41 3.73
CA THR A 61 13.18 -12.51 4.62
C THR A 61 14.35 -12.20 5.50
N SER A 62 15.21 -11.26 5.11
CA SER A 62 16.50 -11.10 5.73
C SER A 62 16.95 -9.66 5.64
N GLY A 63 17.85 -9.22 6.52
CA GLY A 63 18.43 -7.91 6.50
C GLY A 63 17.54 -6.89 7.20
N GLY A 64 18.09 -5.69 7.32
CA GLY A 64 17.32 -4.58 7.88
C GLY A 64 17.07 -4.80 9.38
N ILE A 65 15.99 -4.20 9.83
CA ILE A 65 15.60 -4.11 11.25
C ILE A 65 14.18 -4.64 11.38
N THR A 66 13.94 -5.49 12.37
CA THR A 66 12.61 -6.06 12.58
C THR A 66 11.97 -5.53 13.86
N SER A 67 10.64 -5.67 13.89
CA SER A 67 9.89 -5.42 15.10
C SER A 67 8.61 -6.24 15.12
N SER A 68 8.22 -6.64 16.33
CA SER A 68 6.88 -7.15 16.58
C SER A 68 5.91 -5.96 16.78
N LEU A 69 4.64 -6.28 16.96
CA LEU A 69 3.63 -5.26 17.18
C LEU A 69 3.26 -5.10 18.65
N SER A 70 3.07 -3.86 19.06
CA SER A 70 2.48 -3.57 20.39
C SER A 70 0.99 -3.31 20.33
N SER A 71 0.45 -2.78 19.24
CA SER A 71 -0.96 -2.55 19.12
C SER A 71 -1.35 -2.38 17.63
N VAL A 72 -2.64 -2.48 17.40
CA VAL A 72 -3.25 -2.38 16.07
C VAL A 72 -4.50 -1.50 16.23
N ARG A 73 -4.66 -0.53 15.36
CA ARG A 73 -5.86 0.31 15.34
C ARG A 73 -6.33 0.44 13.89
N VAL A 74 -7.53 -0.03 13.61
CA VAL A 74 -8.12 0.09 12.29
C VAL A 74 -8.92 1.39 12.22
N HIS A 75 -9.10 1.91 11.01
CA HIS A 75 -9.93 3.10 10.86
C HIS A 75 -11.29 2.83 11.48
N PRO A 76 -11.90 3.76 12.20
CA PRO A 76 -13.16 3.45 12.92
C PRO A 76 -14.31 3.12 11.99
N SER A 77 -14.22 3.53 10.71
CA SER A 77 -15.26 3.20 9.73
C SER A 77 -14.82 2.11 8.74
N TYR A 78 -13.78 1.35 9.08
CA TYR A 78 -13.41 0.23 8.22
C TYR A 78 -14.43 -0.90 8.08
C TYR A 78 -14.80 -0.47 8.09
N SER A 79 -14.69 -1.27 6.81
N SER A 79 -15.25 -0.83 6.90
CA SER A 79 -15.59 -2.36 6.53
CA SER A 79 -16.42 -1.65 6.61
C SER A 79 -15.20 -2.96 5.21
C SER A 79 -16.32 -2.20 5.20
N GLY A 80 -14.64 -4.15 5.12
N GLY A 80 -16.40 -3.53 5.02
CA GLY A 80 -14.48 -4.83 3.89
CA GLY A 80 -16.15 -4.10 3.73
C GLY A 80 -13.44 -4.13 3.03
C GLY A 80 -14.73 -3.69 3.27
N ASN A 81 -13.88 -3.55 1.90
N ASN A 81 -14.70 -3.20 2.05
CA ASN A 81 -13.05 -2.74 1.03
CA ASN A 81 -13.42 -2.85 1.42
C ASN A 81 -12.95 -1.25 1.47
C ASN A 81 -12.97 -1.43 1.70
N ASN A 82 -13.91 -0.74 2.30
CA ASN A 82 -13.93 0.70 2.57
C ASN A 82 -13.14 1.09 3.79
N ASN A 83 -12.46 2.23 3.68
CA ASN A 83 -11.71 2.84 4.76
C ASN A 83 -10.62 1.89 5.25
N ASP A 84 -9.88 1.36 4.27
CA ASP A 84 -9.01 0.18 4.49
C ASP A 84 -7.58 0.58 4.91
N LEU A 85 -7.50 1.24 6.08
CA LEU A 85 -6.22 1.59 6.69
C LEU A 85 -6.19 1.20 8.16
N ALA A 86 -4.98 0.88 8.61
CA ALA A 86 -4.71 0.60 10.02
C ALA A 86 -3.36 1.18 10.39
N ILE A 87 -3.28 1.59 11.66
CA ILE A 87 -2.06 2.04 12.31
C ILE A 87 -1.54 0.94 13.22
N LEU A 88 -0.29 0.56 13.01
CA LEU A 88 0.39 -0.43 13.84
C LEU A 88 1.43 0.31 14.69
N LYS A 89 1.46 -0.05 15.98
CA LYS A 89 2.52 0.46 16.83
C LYS A 89 3.53 -0.63 17.04
N LEU A 90 4.80 -0.27 16.98
CA LEU A 90 5.92 -1.20 17.01
C LEU A 90 6.47 -1.38 18.42
N SER A 91 6.77 -2.64 18.74
CA SER A 91 7.43 -2.96 20.01
C SER A 91 8.87 -2.47 20.05
N THR A 92 9.53 -2.35 18.93
CA THR A 92 10.90 -1.91 18.83
C THR A 92 10.94 -0.71 17.89
N SER A 93 11.38 0.44 18.39
CA SER A 93 11.50 1.61 17.55
C SER A 93 12.59 1.44 16.49
N ILE A 94 12.33 2.02 15.31
CA ILE A 94 13.20 1.91 14.15
C ILE A 94 13.71 3.29 13.74
N PRO A 95 14.99 3.61 13.88
CA PRO A 95 15.48 4.92 13.57
C PRO A 95 15.63 5.10 12.08
N SER A 96 15.48 6.35 11.63
CA SER A 96 15.79 6.73 10.28
C SER A 96 17.31 6.85 10.12
N GLY A 97 17.75 6.66 8.88
CA GLY A 97 19.16 6.73 8.53
C GLY A 97 19.52 5.59 7.62
N GLY A 98 20.54 5.76 6.79
CA GLY A 98 20.88 4.72 5.85
C GLY A 98 19.72 4.54 4.87
N ASN A 99 19.30 3.29 4.62
CA ASN A 99 18.21 2.98 3.74
C ASN A 99 16.84 2.92 4.44
N ILE A 100 16.75 3.52 5.63
CA ILE A 100 15.46 3.65 6.30
C ILE A 100 15.12 5.14 6.38
N GLY A 101 13.87 5.46 6.05
CA GLY A 101 13.34 6.78 6.24
C GLY A 101 11.85 6.66 6.59
N TYR A 102 11.23 7.82 6.74
CA TYR A 102 9.80 7.90 7.07
C TYR A 102 9.03 8.51 5.92
N ALA A 103 7.78 8.10 5.76
CA ALA A 103 6.93 8.56 4.69
C ALA A 103 6.50 10.03 4.88
N ARG A 104 6.22 10.76 3.79
N ARG A 104 6.71 10.58 3.65
CA ARG A 104 5.54 12.05 3.79
CA ARG A 104 6.14 11.88 3.38
C ARG A 104 4.13 11.81 3.25
C ARG A 104 4.74 11.60 2.86
N LEU A 105 3.12 12.27 3.95
N LEU A 105 3.73 12.14 3.51
CA LEU A 105 1.74 11.96 3.66
CA LEU A 105 2.35 11.85 3.21
C LEU A 105 1.05 13.00 2.83
C LEU A 105 1.79 12.87 2.21
N ALA A 106 0.13 12.55 1.95
N ALA A 106 0.96 12.36 1.31
CA ALA A 106 -0.77 13.42 1.25
CA ALA A 106 0.11 13.19 0.46
C ALA A 106 -1.61 14.23 2.26
C ALA A 106 -0.66 14.17 1.33
N ALA A 107 -1.97 15.45 1.88
N ALA A 107 -0.88 15.38 0.82
CA ALA A 107 -2.71 16.31 2.77
CA ALA A 107 -1.56 16.45 1.52
C ALA A 107 -4.19 15.93 2.91
C ALA A 107 -2.99 16.05 1.86
N SER A 108 -4.74 16.27 4.07
N SER A 108 -3.43 16.55 3.01
CA SER A 108 -6.17 16.11 4.29
CA SER A 108 -4.80 16.33 3.46
C SER A 108 -6.93 16.90 3.23
C SER A 108 -5.80 16.85 2.46
N GLY A 109 -7.86 16.28 2.54
N GLY A 109 -6.75 16.05 1.99
CA GLY A 109 -8.68 16.88 1.51
CA GLY A 109 -7.70 16.51 1.00
C GLY A 109 -8.18 16.64 0.10
C GLY A 109 -7.28 16.25 -0.44
N SER A 110 -6.96 16.09 -0.02
N SER A 110 -6.03 15.88 -0.70
CA SER A 110 -6.43 15.85 -1.36
CA SER A 110 -5.56 15.70 -2.06
C SER A 110 -6.98 14.58 -2.00
C SER A 110 -6.18 14.42 -2.64
N ASP A 111 -6.89 14.52 -3.33
N ASP A 111 -6.25 14.41 -3.95
CA ASP A 111 -7.39 13.40 -4.12
CA ASP A 111 -6.80 13.25 -4.67
C ASP A 111 -6.52 13.30 -5.34
C ASP A 111 -5.92 13.05 -5.90
N PRO A 112 -5.93 12.15 -5.63
N PRO A 112 -5.32 11.91 -6.15
CA PRO A 112 -5.05 12.05 -6.81
CA PRO A 112 -4.45 11.78 -7.33
C PRO A 112 -5.77 12.35 -8.11
C PRO A 112 -5.16 12.07 -8.64
N VAL A 113 -5.12 13.08 -9.02
N VAL A 113 -4.54 12.89 -9.47
CA VAL A 113 -5.72 13.53 -10.24
CA VAL A 113 -5.13 13.34 -10.71
C VAL A 113 -5.56 12.48 -11.33
C VAL A 113 -5.01 12.24 -11.76
N ALA A 114 -6.65 12.23 -12.06
N ALA A 114 -6.14 12.01 -12.45
CA ALA A 114 -6.65 11.28 -13.15
CA ALA A 114 -6.23 10.98 -13.45
C ALA A 114 -5.49 11.55 -14.11
C ALA A 114 -5.14 11.18 -14.49
N GLY A 115 -4.85 10.47 -14.52
N GLY A 115 -4.48 10.11 -14.87
CA GLY A 115 -3.81 10.54 -15.48
CA GLY A 115 -3.37 10.26 -15.78
C GLY A 115 -2.45 10.80 -14.91
C GLY A 115 -2.17 10.77 -15.00
N SER A 116 -2.28 11.22 -13.71
CA SER A 116 -0.99 11.46 -13.07
C SER A 116 -0.29 10.10 -12.81
N SER A 117 1.03 10.16 -12.72
CA SER A 117 1.82 8.93 -12.60
C SER A 117 2.03 8.54 -11.15
N ALA A 118 1.83 7.28 -10.82
CA ALA A 118 2.01 6.78 -9.47
C ALA A 118 2.88 5.55 -9.52
N THR A 119 3.58 5.26 -8.41
CA THR A 119 4.44 4.11 -8.34
C THR A 119 4.07 3.30 -7.09
N VAL A 120 3.84 2.00 -7.29
CA VAL A 120 3.47 1.09 -6.22
C VAL A 120 4.55 0.04 -6.08
N ALA A 121 4.74 -0.48 -4.85
CA ALA A 121 5.82 -1.42 -4.61
C ALA A 121 5.36 -2.50 -3.62
N GLY A 122 5.98 -3.67 -3.75
CA GLY A 122 5.74 -4.74 -2.79
C GLY A 122 6.39 -6.04 -3.17
N TRP A 123 6.10 -7.01 -2.33
CA TRP A 123 6.62 -8.38 -2.41
C TRP A 123 5.55 -9.38 -2.79
N GLY A 124 4.43 -8.90 -3.33
CA GLY A 124 3.37 -9.80 -3.73
C GLY A 124 3.67 -10.56 -5.00
N ALA A 125 2.71 -11.40 -5.36
CA ALA A 125 2.82 -12.24 -6.53
C ALA A 125 3.05 -11.42 -7.79
N THR A 126 3.62 -12.21 -8.70
N THR A 126 3.85 -11.96 -8.70
CA THR A 126 3.76 -11.55 -10.02
CA THR A 126 4.28 -11.44 -10.01
C THR A 126 2.75 -12.06 -11.02
C THR A 126 3.43 -11.95 -11.18
N SER A 127 1.81 -12.90 -10.61
N SER A 127 2.54 -12.86 -10.87
CA SER A 127 0.67 -13.34 -11.40
CA SER A 127 1.48 -13.35 -11.76
C SER A 127 -0.46 -13.62 -10.41
C SER A 127 0.20 -13.33 -10.95
N GLU A 128 -1.68 -13.56 -10.88
N GLU A 128 -0.91 -12.94 -11.56
CA GLU A 128 -2.82 -13.94 -10.05
CA GLU A 128 -2.18 -13.21 -10.89
C GLU A 128 -2.66 -15.36 -9.58
C GLU A 128 -2.18 -14.69 -10.51
N GLY A 129 -2.78 -15.58 -8.26
N GLY A 129 -2.56 -15.05 -9.32
CA GLY A 129 -2.59 -16.93 -7.77
CA GLY A 129 -2.39 -16.51 -9.07
C GLY A 129 -1.22 -17.49 -7.77
C GLY A 129 -1.05 -17.20 -9.03
N GLY A 130 -0.21 -16.65 -7.94
N GLY A 130 0.02 -16.46 -8.75
CA GLY A 130 1.11 -17.14 -8.10
CA GLY A 130 1.31 -17.18 -8.72
C GLY A 130 1.70 -18.08 -7.12
C GLY A 130 1.59 -18.05 -7.50
N SER A 131 2.46 -19.06 -7.63
CA SER A 131 2.88 -20.08 -6.68
C SER A 131 4.04 -19.77 -5.78
N SER A 132 4.73 -18.70 -6.10
CA SER A 132 5.80 -18.23 -5.30
C SER A 132 5.90 -16.70 -5.50
N THR A 133 6.39 -16.15 -4.40
CA THR A 133 6.47 -14.74 -4.26
C THR A 133 7.94 -14.30 -4.16
N PRO A 134 8.25 -13.15 -4.72
CA PRO A 134 9.64 -12.74 -4.79
C PRO A 134 10.19 -12.41 -3.40
N VAL A 135 11.48 -12.69 -3.24
CA VAL A 135 12.20 -12.28 -2.03
C VAL A 135 12.48 -10.78 -2.02
N ASN A 136 12.81 -10.21 -3.19
CA ASN A 136 13.22 -8.83 -3.28
C ASN A 136 12.06 -7.97 -3.84
N LEU A 137 12.04 -6.74 -3.33
CA LEU A 137 11.03 -5.78 -3.62
C LEU A 137 10.97 -5.44 -5.13
N LEU A 138 9.72 -5.37 -5.62
CA LEU A 138 9.41 -4.94 -6.98
C LEU A 138 8.61 -3.65 -6.93
N LYS A 139 8.61 -2.91 -8.06
CA LYS A 139 7.84 -1.70 -8.18
C LYS A 139 7.27 -1.59 -9.59
N VAL A 140 6.20 -0.84 -9.75
CA VAL A 140 5.62 -0.59 -11.07
C VAL A 140 4.97 0.80 -11.06
N THR A 141 5.02 1.45 -12.22
CA THR A 141 4.41 2.77 -12.39
C THR A 141 3.13 2.65 -13.21
N VAL A 142 2.07 3.22 -12.71
CA VAL A 142 0.76 3.14 -13.35
C VAL A 142 0.10 4.53 -13.21
N PRO A 143 -0.77 4.88 -14.15
CA PRO A 143 -1.50 6.15 -14.05
C PRO A 143 -2.72 6.05 -13.10
N ILE A 144 -3.04 7.15 -12.47
CA ILE A 144 -4.29 7.25 -11.74
C ILE A 144 -5.44 7.12 -12.75
N VAL A 145 -6.48 6.39 -12.39
CA VAL A 145 -7.73 6.21 -13.13
C VAL A 145 -8.80 7.03 -12.41
N SER A 146 -9.57 7.84 -13.15
CA SER A 146 -10.56 8.67 -12.53
C SER A 146 -11.54 7.81 -11.71
N ARG A 147 -12.05 8.40 -10.64
CA ARG A 147 -13.03 7.68 -9.84
C ARG A 147 -14.27 7.38 -10.66
N ALA A 148 -14.64 8.25 -11.62
CA ALA A 148 -15.79 8.00 -12.47
C ALA A 148 -15.55 6.74 -13.32
N THR A 149 -14.39 6.63 -13.96
CA THR A 149 -14.10 5.46 -14.74
C THR A 149 -14.05 4.21 -13.86
N CYS A 150 -13.42 4.32 -12.69
CA CYS A 150 -13.33 3.18 -11.79
C CYS A 150 -14.74 2.72 -11.36
N ARG A 151 -15.65 3.67 -11.12
CA ARG A 151 -17.04 3.34 -10.82
C ARG A 151 -17.75 2.70 -12.00
N ALA A 152 -17.42 3.06 -13.24
CA ALA A 152 -17.97 2.37 -14.38
C ALA A 152 -17.48 0.91 -14.42
N GLN A 153 -16.26 0.66 -13.97
CA GLN A 153 -15.70 -0.69 -13.92
C GLN A 153 -16.32 -1.55 -12.84
N TYR A 154 -16.44 -1.01 -11.62
CA TYR A 154 -16.76 -1.78 -10.45
C TYR A 154 -18.17 -1.58 -9.90
N GLY A 155 -18.82 -0.50 -10.30
CA GLY A 155 -20.10 -0.07 -9.74
C GLY A 155 -19.95 1.23 -9.00
N THR A 156 -21.02 2.03 -9.02
CA THR A 156 -21.00 3.35 -8.42
C THR A 156 -20.75 3.27 -6.92
N SER A 157 -21.45 2.41 -6.18
CA SER A 157 -21.27 2.34 -4.75
C SER A 157 -19.98 1.64 -4.34
N ALA A 158 -19.38 0.86 -5.23
CA ALA A 158 -18.21 0.07 -4.89
C ALA A 158 -16.97 0.89 -4.67
N ILE A 159 -16.88 2.04 -5.33
CA ILE A 159 -15.72 2.91 -5.23
C ILE A 159 -16.16 4.11 -4.45
N THR A 160 -15.64 4.29 -3.23
CA THR A 160 -16.03 5.39 -2.36
C THR A 160 -15.06 6.54 -2.49
N ASN A 161 -15.40 7.62 -1.79
CA ASN A 161 -14.52 8.79 -1.78
C ASN A 161 -13.26 8.56 -0.94
N GLN A 162 -13.13 7.40 -0.27
CA GLN A 162 -11.91 7.08 0.45
C GLN A 162 -11.05 6.06 -0.29
N MET A 163 -11.35 5.85 -1.58
CA MET A 163 -10.60 4.99 -2.46
C MET A 163 -10.17 5.81 -3.67
N PHE A 164 -9.05 5.44 -4.27
CA PHE A 164 -8.76 5.92 -5.62
C PHE A 164 -8.21 4.75 -6.40
N CYS A 165 -8.16 4.89 -7.74
CA CYS A 165 -7.83 3.79 -8.61
C CYS A 165 -6.61 4.09 -9.45
N ALA A 166 -5.93 3.05 -9.89
CA ALA A 166 -4.74 3.22 -10.75
C ALA A 166 -4.54 1.94 -11.54
N GLY A 167 -4.09 2.09 -12.76
CA GLY A 167 -3.87 0.94 -13.63
C GLY A 167 -3.88 1.38 -15.07
N VAL A 168 -3.67 0.40 -15.96
CA VAL A 168 -3.63 0.67 -17.41
C VAL A 168 -4.81 -0.02 -18.02
N SER A 169 -5.49 0.62 -18.96
CA SER A 169 -6.80 0.09 -19.40
C SER A 169 -6.70 -1.31 -19.99
N SER A 170 -5.60 -1.56 -20.72
CA SER A 170 -5.32 -2.85 -21.31
C SER A 170 -4.76 -3.86 -20.33
N GLY A 171 -4.51 -3.42 -19.10
CA GLY A 171 -3.95 -4.33 -18.11
C GLY A 171 -2.48 -4.49 -18.18
N GLY A 172 -1.94 -5.40 -17.34
CA GLY A 172 -0.56 -5.81 -17.41
C GLY A 172 0.36 -5.27 -16.31
N LYS A 173 -0.07 -4.26 -15.61
CA LYS A 173 0.71 -3.59 -14.58
C LYS A 173 -0.20 -3.37 -13.38
N ASP A 174 0.14 -3.92 -12.22
CA ASP A 174 -0.72 -3.74 -11.06
C ASP A 174 -0.04 -4.25 -9.81
N SER A 175 -0.61 -3.94 -8.66
CA SER A 175 -0.36 -4.63 -7.42
C SER A 175 -1.19 -5.93 -7.41
N CYS A 176 -0.80 -6.86 -6.52
N CYS A 176 -0.77 -6.90 -6.58
CA CYS A 176 -1.47 -8.15 -6.49
CA CYS A 176 -1.23 -8.28 -6.53
C CYS A 176 -1.35 -8.78 -5.11
C CYS A 176 -1.45 -8.73 -5.10
N GLN A 177 -1.97 -9.93 -4.90
CA GLN A 177 -1.97 -10.58 -3.58
C GLN A 177 -0.58 -10.55 -3.00
N GLY A 178 -0.46 -10.17 -1.77
CA GLY A 178 0.71 -9.99 -1.00
C GLY A 178 1.28 -8.59 -1.03
N ASP A 179 0.80 -7.75 -1.91
CA ASP A 179 1.15 -6.35 -1.96
C ASP A 179 0.28 -5.50 -1.05
N SER A 180 -0.84 -6.05 -0.56
CA SER A 180 -1.77 -5.26 0.23
C SER A 180 -1.04 -4.53 1.35
N GLY A 181 -1.50 -3.29 1.59
CA GLY A 181 -0.97 -2.49 2.65
C GLY A 181 0.24 -1.66 2.30
N GLY A 182 0.96 -2.09 1.25
CA GLY A 182 2.15 -1.36 0.86
C GLY A 182 1.83 -0.08 0.12
N PRO A 183 2.89 0.70 -0.13
CA PRO A 183 2.72 2.07 -0.58
C PRO A 183 2.51 2.24 -2.08
N ILE A 184 1.69 3.25 -2.37
CA ILE A 184 1.64 3.87 -3.68
C ILE A 184 1.95 5.36 -3.46
N VAL A 185 2.88 5.95 -4.24
N VAL A 185 3.00 5.59 -4.27
CA VAL A 185 3.33 7.33 -4.12
CA VAL A 185 3.59 6.90 -4.28
C VAL A 185 3.05 8.06 -5.43
C VAL A 185 3.31 7.62 -5.60
N ASP A 186 2.93 9.40 -5.30
N ASP A 186 3.34 8.94 -5.48
CA ASP A 186 2.77 10.21 -6.49
CA ASP A 186 3.35 9.74 -6.70
C ASP A 186 4.12 10.65 -7.03
C ASP A 186 4.74 9.77 -7.30
N SER A 187 4.06 11.52 -8.06
N SER A 187 4.91 10.53 -8.39
CA SER A 187 5.23 11.98 -8.77
CA SER A 187 6.17 10.52 -9.10
C SER A 187 6.10 12.94 -7.97
C SER A 187 7.29 11.13 -8.29
N SER A 188 5.73 13.35 -6.79
N SER A 188 6.98 11.85 -7.22
CA SER A 188 6.50 14.08 -5.81
CA SER A 188 7.94 12.41 -6.29
C SER A 188 7.04 13.13 -4.73
C SER A 188 8.29 11.49 -5.13
N ASN A 189 6.76 11.82 -4.84
N ASN A 189 7.73 10.31 -5.05
CA ASN A 189 7.19 10.81 -3.83
CA ASN A 189 7.85 9.40 -3.93
C ASN A 189 6.40 10.98 -2.54
C ASN A 189 7.10 9.82 -2.68
N THR A 190 5.25 11.59 -2.58
N THR A 190 6.14 10.73 -2.77
CA THR A 190 4.36 11.69 -1.44
CA THR A 190 5.24 10.99 -1.66
C THR A 190 3.48 10.44 -1.37
C THR A 190 4.16 9.93 -1.59
N LEU A 191 3.31 9.89 -0.17
N LEU A 191 3.84 9.47 -0.40
CA LEU A 191 2.46 8.71 0.05
CA LEU A 191 2.84 8.40 -0.19
C LEU A 191 0.99 9.12 -0.11
C LEU A 191 1.41 8.88 -0.37
N ILE A 192 0.45 8.52 -1.22
CA ILE A 192 -0.95 8.85 -1.52
C ILE A 192 -1.90 7.69 -1.18
N GLY A 193 -1.39 6.45 -1.02
CA GLY A 193 -2.32 5.38 -0.73
C GLY A 193 -1.59 4.14 -0.24
N ALA A 194 -2.46 3.18 0.10
CA ALA A 194 -2.03 1.80 0.39
C ALA A 194 -2.78 0.85 -0.51
N VAL A 195 -2.08 -0.17 -0.98
CA VAL A 195 -2.69 -1.24 -1.79
C VAL A 195 -3.87 -1.84 -1.02
N SER A 196 -5.04 -1.93 -1.68
CA SER A 196 -6.24 -2.34 -0.98
C SER A 196 -6.93 -3.53 -1.66
N TRP A 197 -7.50 -3.37 -2.85
CA TRP A 197 -8.30 -4.48 -3.42
C TRP A 197 -8.40 -4.26 -4.92
N GLY A 198 -9.00 -5.27 -5.58
CA GLY A 198 -9.27 -5.18 -7.00
C GLY A 198 -9.86 -6.48 -7.48
N ASN A 199 -10.36 -6.49 -8.72
CA ASN A 199 -10.85 -7.73 -9.34
C ASN A 199 -9.70 -8.39 -10.05
N GLY A 200 -9.14 -9.43 -9.42
CA GLY A 200 -7.95 -10.03 -9.94
C GLY A 200 -6.78 -9.05 -9.90
N CYS A 201 -5.79 -9.22 -10.73
CA CYS A 201 -4.61 -8.37 -10.80
C CYS A 201 -4.20 -8.10 -12.24
N ALA A 202 -4.09 -6.82 -12.60
CA ALA A 202 -3.60 -6.39 -13.88
C ALA A 202 -4.55 -6.82 -15.01
N ARG A 203 -5.82 -6.96 -14.71
CA ARG A 203 -6.77 -7.27 -15.78
C ARG A 203 -7.16 -6.05 -16.53
N PRO A 204 -7.41 -6.19 -17.82
CA PRO A 204 -7.95 -5.07 -18.56
C PRO A 204 -9.29 -4.66 -17.93
N ASN A 205 -9.46 -3.36 -17.89
CA ASN A 205 -10.74 -2.75 -17.48
C ASN A 205 -11.13 -3.03 -16.00
N TYR A 206 -10.16 -3.42 -15.16
CA TYR A 206 -10.39 -3.48 -13.73
C TYR A 206 -9.15 -2.94 -13.03
N SER A 207 -9.26 -1.66 -12.67
CA SER A 207 -8.17 -0.95 -12.03
C SER A 207 -7.82 -1.54 -10.67
N GLY A 208 -6.57 -1.33 -10.23
CA GLY A 208 -6.29 -1.54 -8.81
C GLY A 208 -6.95 -0.44 -7.99
N VAL A 209 -7.41 -0.82 -6.81
CA VAL A 209 -8.09 0.12 -5.91
C VAL A 209 -7.23 0.28 -4.66
N TYR A 210 -7.07 1.53 -4.24
CA TYR A 210 -6.15 1.94 -3.19
C TYR A 210 -6.91 2.72 -2.13
N ALA A 211 -6.53 2.51 -0.87
CA ALA A 211 -7.04 3.34 0.21
C ALA A 211 -6.35 4.69 0.17
N SER A 212 -7.14 5.77 0.23
CA SER A 212 -6.62 7.10 0.03
C SER A 212 -6.11 7.74 1.35
N VAL A 213 -4.79 8.00 1.35
CA VAL A 213 -4.19 8.67 2.53
C VAL A 213 -4.79 10.05 2.74
N GLY A 214 -4.97 10.81 1.65
CA GLY A 214 -5.59 12.13 1.80
C GLY A 214 -6.91 12.07 2.46
N ALA A 215 -7.73 11.13 2.01
CA ALA A 215 -9.05 11.03 2.57
C ALA A 215 -9.11 10.58 4.02
N LEU A 216 -8.08 9.89 4.48
CA LEU A 216 -8.05 9.26 5.78
C LEU A 216 -6.99 9.85 6.67
N ARG A 217 -6.49 11.05 6.30
CA ARG A 217 -5.39 11.68 6.98
C ARG A 217 -5.74 12.03 8.42
N SER A 218 -6.99 12.41 8.68
CA SER A 218 -7.27 12.74 10.07
C SER A 218 -7.09 11.56 11.00
N PHE A 219 -7.53 10.39 10.59
CA PHE A 219 -7.29 9.15 11.37
C PHE A 219 -5.80 8.92 11.56
N ILE A 220 -5.06 9.02 10.45
CA ILE A 220 -3.63 8.76 10.54
C ILE A 220 -2.98 9.72 11.53
N ASP A 221 -3.29 10.99 11.44
CA ASP A 221 -2.66 12.00 12.30
C ASP A 221 -3.02 11.82 13.76
N THR A 222 -4.23 11.34 14.04
CA THR A 222 -4.66 11.13 15.41
C THR A 222 -3.76 10.10 16.11
N TYR A 223 -3.41 9.03 15.39
CA TYR A 223 -2.79 7.90 16.02
C TYR A 223 -1.33 7.75 15.70
N ALA A 224 -0.79 8.43 14.67
CA ALA A 224 0.59 8.33 14.33
C ALA A 224 1.49 8.81 15.48
N GLY B 1 -11.77 -9.71 -2.89
CA GLY B 1 -10.89 -9.08 -3.86
C GLY B 1 -9.69 -8.44 -3.22
N ALA B 2 -9.49 -8.67 -1.92
CA ALA B 2 -8.42 -8.08 -1.13
C ALA B 2 -7.05 -8.57 -1.58
N LYS B 3 -6.11 -7.62 -1.52
CA LYS B 3 -4.76 -7.97 -1.97
C LYS B 3 -3.78 -8.45 -0.72
#